data_7SS8
#
_entry.id   7SS8
#
_cell.length_a   63.855
_cell.length_b   49.503
_cell.length_c   110.602
_cell.angle_alpha   90.000
_cell.angle_beta   102.270
_cell.angle_gamma   90.000
#
_symmetry.space_group_name_H-M   'P 1 21 1'
#
loop_
_entity.id
_entity.type
_entity.pdbx_description
1 polymer 'Histone acetyltransferase p300'
2 non-polymer 'ZINC ION'
3 non-polymer 1,2-ETHANEDIOL
4 non-polymer 1-[1-(4-chlorophenyl)cyclopentane-1-carbonyl]-N-{[3-(methylcarbamoyl)phenyl]methyl}-D-prolinamide
5 water water
#
_entity_poly.entity_id   1
_entity_poly.type   'polypeptide(L)'
_entity_poly.pdbx_seq_one_letter_code
;GGHHHHHHGIFKPEELRQALMPTLEALYRQDPESLPFRQPVDPQLLGIPDYFDIVKSPMDLSTIKRKLDTGQYQEPWQYV
DDIWLMFNNAWLYNRKTSRVYKYCSKLSEVFEQEIDPVMQSLGYCCGRKLEFSPQTLCCYGKQLCTIPRDATYYSYQNRY
HFCEKCFNEIQGESVSLGDDPSQPQTTINKEQFSKRKNDTLDPELFVECTECGRKMHQICVLHHEIIWPAGFVCDGCLKK
SARTRKENKFSAKRLPSTRLGTFLENRVNDFLRRQNHPESGEVTVRVVHASDKTVEVKPGMKARFVDSGEMAESFPYRTK
ALFAFEEIDGVDLCFFGMHVQEYGSDCPPPNQRRVYISYLDSVHFFRPKCLRTAVYHEILIGYLEYVKKLGYTTGHIWAC
PPSEGDDYIFHCHPPDQKIPKPKRLQEWFKKMLDKAVSERIVHDYKDIFKQATEDRLTSAKELPYFEGDFWPNVLEESIK
ESGGSGQKLYATMEKHKEVFFVIRLIAGPAANSLPPIVDPDPLIPCDLMDGRDAFLTLARDKHLEFSSLRRAQWSTMCML
VELHTQSQD
;
_entity_poly.pdbx_strand_id   A
#
loop_
_chem_comp.id
_chem_comp.type
_chem_comp.name
_chem_comp.formula
C0C non-polymer 1-[1-(4-chlorophenyl)cyclopentane-1-carbonyl]-N-{[3-(methylcarbamoyl)phenyl]methyl}-D-prolinamide 'C26 H30 Cl N3 O3'
EDO non-polymer 1,2-ETHANEDIOL 'C2 H6 O2'
ZN non-polymer 'ZINC ION' 'Zn 2'
#
# COMPACT_ATOMS: atom_id res chain seq x y z
N GLY A 9 -7.53 30.95 22.16
CA GLY A 9 -8.90 30.34 22.14
C GLY A 9 -9.55 30.44 20.76
N ILE A 10 -10.27 29.40 20.36
CA ILE A 10 -11.05 29.34 19.09
C ILE A 10 -12.52 29.65 19.43
N PHE A 11 -13.05 28.97 20.44
CA PHE A 11 -14.50 28.91 20.69
C PHE A 11 -14.86 29.70 21.94
N LYS A 12 -15.98 30.41 21.90
CA LYS A 12 -16.64 30.86 23.15
C LYS A 12 -16.95 29.60 23.93
N PRO A 13 -16.57 29.53 25.22
CA PRO A 13 -16.83 28.34 26.04
C PRO A 13 -18.24 27.75 25.99
N GLU A 14 -19.27 28.60 25.96
CA GLU A 14 -20.69 28.20 25.92
C GLU A 14 -21.00 27.51 24.60
N GLU A 15 -20.41 28.00 23.50
CA GLU A 15 -20.52 27.41 22.15
C GLU A 15 -19.95 25.99 22.18
N LEU A 16 -18.77 25.77 22.76
CA LEU A 16 -18.17 24.40 22.83
C LEU A 16 -19.07 23.52 23.68
N ARG A 17 -19.58 24.03 24.79
CA ARG A 17 -20.46 23.27 25.70
C ARG A 17 -21.73 22.83 24.94
N GLN A 18 -22.33 23.74 24.17
CA GLN A 18 -23.60 23.45 23.45
CA GLN A 18 -23.61 23.46 23.45
C GLN A 18 -23.36 22.41 22.35
N ALA A 19 -22.19 22.41 21.73
CA ALA A 19 -21.89 21.49 20.62
C ALA A 19 -21.63 20.08 21.17
N LEU A 20 -20.83 19.97 22.25
CA LEU A 20 -20.32 18.67 22.75
C LEU A 20 -21.29 18.01 23.76
N MET A 21 -22.01 18.79 24.56
CA MET A 21 -22.86 18.22 25.65
C MET A 21 -23.85 17.17 25.09
N PRO A 22 -24.52 17.37 23.93
CA PRO A 22 -25.36 16.30 23.38
C PRO A 22 -24.67 14.95 23.11
N THR A 23 -23.37 14.92 22.76
CA THR A 23 -22.65 13.64 22.55
C THR A 23 -22.45 12.97 23.93
N LEU A 24 -22.27 13.75 25.00
CA LEU A 24 -22.10 13.16 26.34
C LEU A 24 -23.47 12.61 26.81
N GLU A 25 -24.54 13.35 26.62
CA GLU A 25 -25.92 12.91 26.97
C GLU A 25 -26.28 11.66 26.17
N ALA A 26 -25.85 11.56 24.92
CA ALA A 26 -26.07 10.34 24.15
C ALA A 26 -25.47 9.15 24.89
N LEU A 27 -24.26 9.26 25.45
CA LEU A 27 -23.64 8.13 26.18
C LEU A 27 -24.42 7.84 27.46
N TYR A 28 -24.80 8.89 28.17
CA TYR A 28 -25.52 8.79 29.47
C TYR A 28 -26.87 8.08 29.27
N ARG A 29 -27.57 8.36 28.17
CA ARG A 29 -28.87 7.72 27.88
C ARG A 29 -28.72 6.21 27.64
N GLN A 30 -27.55 5.72 27.24
CA GLN A 30 -27.37 4.26 26.98
C GLN A 30 -27.46 3.50 28.31
N ASP A 31 -28.50 2.73 28.48
CA ASP A 31 -28.76 1.99 29.72
C ASP A 31 -29.06 0.58 29.24
N PRO A 32 -28.31 -0.48 29.67
CA PRO A 32 -27.36 -0.41 30.78
C PRO A 32 -25.89 -0.03 30.50
N GLU A 33 -25.54 0.24 29.24
CA GLU A 33 -24.11 0.31 28.82
C GLU A 33 -23.37 1.44 29.55
N SER A 34 -24.01 2.57 29.88
CA SER A 34 -23.31 3.70 30.55
C SER A 34 -23.22 3.47 32.07
N LEU A 35 -23.90 2.50 32.64
CA LEU A 35 -24.01 2.50 34.14
C LEU A 35 -22.64 2.41 34.81
N PRO A 36 -21.70 1.56 34.34
CA PRO A 36 -20.36 1.51 34.96
C PRO A 36 -19.52 2.78 34.74
N PHE A 37 -19.97 3.70 33.89
CA PHE A 37 -19.21 4.90 33.47
C PHE A 37 -19.78 6.20 34.03
N ARG A 38 -20.92 6.19 34.72
CA ARG A 38 -21.60 7.45 35.11
C ARG A 38 -20.86 8.14 36.26
N GLN A 39 -20.15 7.42 37.11
CA GLN A 39 -19.56 8.01 38.36
C GLN A 39 -18.14 7.49 38.47
N PRO A 40 -17.24 8.19 39.17
CA PRO A 40 -15.87 7.70 39.33
C PRO A 40 -15.94 6.29 39.92
N VAL A 41 -15.10 5.39 39.43
CA VAL A 41 -14.93 4.02 40.00
C VAL A 41 -14.45 4.18 41.44
N ASP A 42 -15.17 3.58 42.39
CA ASP A 42 -14.79 3.57 43.84
C ASP A 42 -14.30 2.16 44.15
N PRO A 43 -12.97 1.91 44.11
CA PRO A 43 -12.47 0.53 44.14
C PRO A 43 -12.84 -0.25 45.41
N GLN A 44 -12.94 0.40 46.58
CA GLN A 44 -13.40 -0.23 47.85
C GLN A 44 -14.80 -0.80 47.62
N LEU A 45 -15.75 0.09 47.33
CA LEU A 45 -17.18 -0.24 47.15
C LEU A 45 -17.33 -1.37 46.13
N LEU A 46 -16.56 -1.40 45.04
CA LEU A 46 -16.78 -2.38 43.96
C LEU A 46 -15.96 -3.66 44.25
N GLY A 47 -15.17 -3.68 45.31
CA GLY A 47 -14.27 -4.81 45.66
C GLY A 47 -13.20 -5.03 44.60
N ILE A 48 -12.63 -3.96 44.04
CA ILE A 48 -11.57 -4.11 43.00
C ILE A 48 -10.36 -3.27 43.40
N PRO A 49 -9.71 -3.67 44.51
CA PRO A 49 -8.65 -2.88 45.14
C PRO A 49 -7.43 -2.63 44.24
N ASP A 50 -7.19 -3.44 43.19
CA ASP A 50 -6.03 -3.24 42.29
C ASP A 50 -6.37 -2.20 41.18
N TYR A 51 -7.58 -1.67 41.14
CA TYR A 51 -8.06 -0.79 40.04
C TYR A 51 -7.02 0.32 39.79
N PHE A 52 -6.63 1.04 40.84
CA PHE A 52 -5.72 2.22 40.71
C PHE A 52 -4.27 1.78 40.49
N ASP A 53 -3.90 0.49 40.67
CA ASP A 53 -2.58 -0.04 40.23
C ASP A 53 -2.54 -0.23 38.72
N ILE A 54 -3.70 -0.38 38.09
CA ILE A 54 -3.82 -0.63 36.63
CA ILE A 54 -3.80 -0.64 36.63
C ILE A 54 -4.19 0.69 35.94
N VAL A 55 -5.16 1.41 36.49
CA VAL A 55 -5.69 2.67 35.91
C VAL A 55 -5.08 3.84 36.70
N LYS A 56 -4.16 4.57 36.08
CA LYS A 56 -3.41 5.71 36.68
C LYS A 56 -4.20 6.99 36.47
N SER A 57 -5.02 7.08 35.42
CA SER A 57 -5.85 8.27 35.12
C SER A 57 -7.30 7.89 34.97
N PRO A 58 -8.06 7.68 36.09
CA PRO A 58 -9.49 7.40 36.00
C PRO A 58 -10.22 8.56 35.32
N MET A 59 -11.33 8.21 34.66
CA MET A 59 -12.18 9.22 33.99
C MET A 59 -13.57 8.59 33.91
N ASP A 60 -14.61 9.40 34.00
CA ASP A 60 -16.01 8.92 33.96
C ASP A 60 -16.88 10.07 33.46
N LEU A 61 -18.14 9.75 33.09
CA LEU A 61 -19.05 10.72 32.45
C LEU A 61 -19.27 11.94 33.33
N SER A 62 -19.36 11.78 34.65
CA SER A 62 -19.71 12.90 35.55
C SER A 62 -18.53 13.88 35.61
N THR A 63 -17.29 13.39 35.60
CA THR A 63 -16.07 14.24 35.57
C THR A 63 -16.03 15.01 34.25
N ILE A 64 -16.30 14.34 33.13
CA ILE A 64 -16.30 15.01 31.80
C ILE A 64 -17.41 16.07 31.79
N LYS A 65 -18.58 15.77 32.35
CA LYS A 65 -19.69 16.75 32.41
C LYS A 65 -19.25 18.01 33.17
N ARG A 66 -18.58 17.84 34.32
CA ARG A 66 -18.06 18.96 35.14
C ARG A 66 -17.03 19.79 34.35
N LYS A 67 -16.10 19.14 33.67
CA LYS A 67 -15.08 19.84 32.84
C LYS A 67 -15.75 20.67 31.74
N LEU A 68 -16.76 20.11 31.08
CA LEU A 68 -17.57 20.80 30.03
C LEU A 68 -18.27 22.04 30.63
N ASP A 69 -18.95 21.85 31.77
CA ASP A 69 -19.80 22.86 32.45
C ASP A 69 -18.95 23.99 33.04
N THR A 70 -17.67 23.75 33.35
CA THR A 70 -16.79 24.76 34.00
C THR A 70 -15.84 25.35 32.97
N GLY A 71 -15.98 25.02 31.69
CA GLY A 71 -15.18 25.65 30.61
C GLY A 71 -13.73 25.19 30.64
N GLN A 72 -13.50 23.93 31.00
CA GLN A 72 -12.13 23.39 31.16
C GLN A 72 -11.60 22.88 29.81
N TYR A 73 -12.47 22.54 28.86
CA TYR A 73 -12.03 22.11 27.52
C TYR A 73 -11.85 23.37 26.66
N GLN A 74 -10.62 23.66 26.23
CA GLN A 74 -10.30 24.86 25.40
C GLN A 74 -10.60 24.52 23.94
N GLU A 75 -10.48 23.24 23.58
CA GLU A 75 -10.79 22.80 22.20
C GLU A 75 -11.27 21.36 22.27
N PRO A 76 -12.09 20.95 21.28
CA PRO A 76 -12.84 19.71 21.39
C PRO A 76 -12.02 18.43 21.47
N TRP A 77 -10.79 18.37 20.93
CA TRP A 77 -9.98 17.14 21.02
C TRP A 77 -9.69 16.78 22.49
N GLN A 78 -9.67 17.75 23.41
CA GLN A 78 -9.40 17.49 24.85
C GLN A 78 -10.61 16.73 25.41
N TYR A 79 -11.78 17.04 24.90
CA TYR A 79 -13.03 16.31 25.24
C TYR A 79 -12.96 14.90 24.65
N VAL A 80 -12.61 14.78 23.38
CA VAL A 80 -12.53 13.44 22.71
C VAL A 80 -11.48 12.61 23.44
N ASP A 81 -10.33 13.20 23.77
CA ASP A 81 -9.23 12.52 24.51
C ASP A 81 -9.77 11.95 25.85
N ASP A 82 -10.59 12.72 26.60
CA ASP A 82 -11.14 12.25 27.91
C ASP A 82 -12.13 11.11 27.73
N ILE A 83 -12.96 11.17 26.70
CA ILE A 83 -13.93 10.09 26.35
C ILE A 83 -13.16 8.79 26.08
N TRP A 84 -12.07 8.86 25.33
CA TRP A 84 -11.30 7.66 24.95
C TRP A 84 -10.42 7.18 26.11
N LEU A 85 -10.02 8.08 27.01
CA LEU A 85 -9.33 7.67 28.25
C LEU A 85 -10.28 6.77 29.04
N MET A 86 -11.53 7.22 29.15
CA MET A 86 -12.60 6.46 29.83
C MET A 86 -12.78 5.07 29.19
N PHE A 87 -12.85 5.00 27.87
CA PHE A 87 -13.05 3.72 27.15
C PHE A 87 -11.83 2.83 27.36
N ASN A 88 -10.64 3.41 27.17
CA ASN A 88 -9.38 2.65 27.23
C ASN A 88 -9.13 2.11 28.66
N ASN A 89 -9.49 2.87 29.68
CA ASN A 89 -9.35 2.37 31.08
C ASN A 89 -10.15 1.08 31.22
N ALA A 90 -11.38 1.07 30.70
CA ALA A 90 -12.35 -0.04 30.87
C ALA A 90 -11.85 -1.25 30.08
N TRP A 91 -11.34 -1.03 28.88
CA TRP A 91 -10.80 -2.11 28.03
C TRP A 91 -9.50 -2.67 28.63
N LEU A 92 -8.67 -1.82 29.23
CA LEU A 92 -7.46 -2.25 29.95
C LEU A 92 -7.82 -3.08 31.19
N TYR A 93 -8.73 -2.63 32.03
CA TYR A 93 -8.94 -3.25 33.36
C TYR A 93 -9.75 -4.54 33.20
N ASN A 94 -10.76 -4.54 32.32
CA ASN A 94 -11.77 -5.62 32.27
C ASN A 94 -11.38 -6.66 31.20
N ARG A 95 -11.78 -7.90 31.39
CA ARG A 95 -11.57 -9.02 30.41
C ARG A 95 -12.42 -8.75 29.17
N LYS A 96 -11.94 -9.19 28.00
CA LYS A 96 -12.61 -9.09 26.68
C LYS A 96 -14.00 -9.73 26.72
N THR A 97 -14.20 -10.72 27.56
CA THR A 97 -15.46 -11.50 27.62
C THR A 97 -16.38 -10.92 28.70
N SER A 98 -15.90 -9.96 29.51
CA SER A 98 -16.70 -9.35 30.60
C SER A 98 -17.79 -8.43 30.01
N ARG A 99 -18.89 -8.30 30.76
CA ARG A 99 -20.01 -7.36 30.54
C ARG A 99 -19.51 -5.91 30.38
N VAL A 100 -18.66 -5.41 31.26
CA VAL A 100 -18.20 -3.99 31.20
C VAL A 100 -17.42 -3.77 29.90
N TYR A 101 -16.59 -4.73 29.52
CA TYR A 101 -15.77 -4.63 28.28
C TYR A 101 -16.74 -4.44 27.10
N LYS A 102 -17.79 -5.26 27.00
CA LYS A 102 -18.76 -5.21 25.88
C LYS A 102 -19.55 -3.90 25.95
N TYR A 103 -19.91 -3.44 27.15
CA TYR A 103 -20.64 -2.16 27.33
C TYR A 103 -19.80 -1.01 26.81
N CYS A 104 -18.51 -1.05 27.12
CA CYS A 104 -17.54 -0.04 26.69
C CYS A 104 -17.51 0.00 25.15
N SER A 105 -17.35 -1.17 24.53
CA SER A 105 -17.32 -1.29 23.05
C SER A 105 -18.59 -0.67 22.45
N LYS A 106 -19.77 -0.99 22.99
CA LYS A 106 -21.06 -0.42 22.54
C LYS A 106 -21.00 1.11 22.70
N LEU A 107 -20.59 1.62 23.87
CA LEU A 107 -20.55 3.09 24.06
C LEU A 107 -19.62 3.73 23.03
N SER A 108 -18.47 3.13 22.73
CA SER A 108 -17.50 3.72 21.79
C SER A 108 -18.14 3.80 20.38
N GLU A 109 -18.98 2.83 20.00
CA GLU A 109 -19.73 2.84 18.71
C GLU A 109 -20.77 3.98 18.72
N VAL A 110 -21.50 4.16 19.82
CA VAL A 110 -22.47 5.28 19.97
C VAL A 110 -21.67 6.58 19.86
N PHE A 111 -20.54 6.69 20.55
CA PHE A 111 -19.77 7.97 20.55
C PHE A 111 -19.30 8.31 19.12
N GLU A 112 -18.77 7.34 18.39
CA GLU A 112 -18.19 7.58 17.04
C GLU A 112 -19.26 8.14 16.10
N GLN A 113 -20.47 7.58 16.10
CA GLN A 113 -21.60 8.11 15.31
C GLN A 113 -21.96 9.53 15.75
N GLU A 114 -21.95 9.83 17.04
CA GLU A 114 -22.42 11.15 17.52
C GLU A 114 -21.34 12.21 17.27
N ILE A 115 -20.06 11.87 17.44
CA ILE A 115 -18.97 12.91 17.51
C ILE A 115 -18.58 13.37 16.10
N ASP A 116 -18.61 12.46 15.15
CA ASP A 116 -18.29 12.73 13.73
C ASP A 116 -19.04 13.97 13.25
N PRO A 117 -20.40 13.98 13.17
CA PRO A 117 -21.08 15.16 12.64
C PRO A 117 -20.86 16.39 13.52
N VAL A 118 -20.64 16.22 14.82
CA VAL A 118 -20.43 17.41 15.68
C VAL A 118 -19.08 18.04 15.31
N MET A 119 -18.03 17.24 15.22
CA MET A 119 -16.66 17.76 14.97
C MET A 119 -16.59 18.39 13.58
N GLN A 120 -17.33 17.86 12.62
CA GLN A 120 -17.39 18.42 11.25
C GLN A 120 -18.15 19.75 11.28
N SER A 121 -19.19 19.90 12.11
CA SER A 121 -19.96 21.17 12.23
CA SER A 121 -19.96 21.17 12.24
C SER A 121 -19.08 22.24 12.86
N LEU A 122 -18.12 21.84 13.69
CA LEU A 122 -17.18 22.77 14.36
C LEU A 122 -15.98 23.05 13.45
N GLY A 123 -15.98 22.52 12.21
CA GLY A 123 -14.94 22.79 11.20
C GLY A 123 -13.73 21.86 11.30
N TYR A 124 -13.88 20.65 11.83
CA TYR A 124 -12.76 19.69 12.00
C TYR A 124 -12.88 18.62 10.93
N CYS A 125 -11.75 17.95 10.65
CA CYS A 125 -11.63 16.87 9.64
C CYS A 125 -12.63 15.78 10.02
N CYS A 126 -12.66 15.38 11.29
CA CYS A 126 -13.47 14.26 11.85
C CYS A 126 -13.36 14.39 13.37
N GLY A 127 -13.94 13.43 14.09
CA GLY A 127 -13.87 13.37 15.56
C GLY A 127 -13.30 12.05 16.02
N ARG A 128 -12.51 11.39 15.18
CA ARG A 128 -12.06 10.00 15.43
C ARG A 128 -10.76 10.04 16.22
N LYS A 129 -10.64 9.12 17.17
CA LYS A 129 -9.41 8.74 17.89
C LYS A 129 -8.68 7.69 17.07
N LEU A 130 -7.53 8.03 16.48
CA LEU A 130 -6.90 7.19 15.42
C LEU A 130 -5.49 6.80 15.83
N GLU A 131 -5.19 5.52 15.69
CA GLU A 131 -3.90 4.90 16.04
C GLU A 131 -3.46 4.01 14.87
N PHE A 132 -2.17 3.83 14.70
CA PHE A 132 -1.59 3.02 13.60
C PHE A 132 -1.78 1.53 13.91
N SER A 133 -1.55 0.69 12.91
CA SER A 133 -1.57 -0.80 13.01
C SER A 133 -0.41 -1.27 13.87
N PRO A 134 -0.53 -2.44 14.55
CA PRO A 134 0.56 -3.04 15.32
C PRO A 134 1.80 -3.47 14.50
N ASN A 198 6.49 -3.08 24.36
CA ASN A 198 6.06 -3.01 22.94
C ASN A 198 4.67 -3.64 22.77
N ASP A 199 3.73 -3.30 23.65
CA ASP A 199 2.33 -3.79 23.64
C ASP A 199 1.39 -2.72 23.07
N THR A 200 1.96 -1.60 22.62
CA THR A 200 1.27 -0.29 22.46
C THR A 200 1.10 0.08 20.98
N LEU A 201 0.18 1.01 20.68
CA LEU A 201 -0.07 1.52 19.31
C LEU A 201 0.33 3.00 19.22
N ASP A 202 0.92 3.40 18.10
CA ASP A 202 1.37 4.80 17.88
C ASP A 202 0.14 5.61 17.45
N PRO A 203 -0.01 6.83 18.01
CA PRO A 203 -1.14 7.68 17.65
C PRO A 203 -0.90 8.36 16.29
N GLU A 204 -1.97 8.59 15.53
CA GLU A 204 -1.93 9.48 14.34
C GLU A 204 -1.55 10.89 14.81
N LEU A 205 -0.86 11.62 13.95
CA LEU A 205 -0.31 12.96 14.26
C LEU A 205 -1.35 14.00 13.85
N PHE A 206 -1.24 15.17 14.46
CA PHE A 206 -2.04 16.36 14.13
C PHE A 206 -1.16 17.46 13.53
N VAL A 207 -1.78 18.29 12.74
CA VAL A 207 -1.19 19.58 12.29
C VAL A 207 -2.13 20.70 12.76
N GLU A 208 -1.65 21.93 12.86
CA GLU A 208 -2.47 23.04 13.38
C GLU A 208 -2.65 24.10 12.29
N CYS A 209 -3.87 24.47 11.95
CA CYS A 209 -4.14 25.61 11.06
C CYS A 209 -3.46 26.86 11.59
N THR A 210 -2.58 27.47 10.80
CA THR A 210 -1.85 28.69 11.23
C THR A 210 -2.82 29.87 11.34
N GLU A 211 -4.02 29.81 10.79
CA GLU A 211 -4.96 30.96 10.81
C GLU A 211 -5.98 30.86 11.95
N CYS A 212 -6.60 29.70 12.19
CA CYS A 212 -7.67 29.54 13.22
C CYS A 212 -7.15 28.76 14.42
N GLY A 213 -6.05 28.00 14.30
CA GLY A 213 -5.47 27.22 15.40
C GLY A 213 -6.17 25.89 15.63
N ARG A 214 -7.12 25.50 14.79
CA ARG A 214 -7.74 24.15 14.91
C ARG A 214 -6.67 23.10 14.61
N LYS A 215 -6.65 22.02 15.39
CA LYS A 215 -5.77 20.83 15.18
C LYS A 215 -6.55 19.83 14.33
N MET A 216 -5.92 19.28 13.30
CA MET A 216 -6.54 18.28 12.41
C MET A 216 -5.56 17.13 12.16
N HIS A 217 -6.11 15.99 11.83
CA HIS A 217 -5.30 14.82 11.45
C HIS A 217 -4.48 15.17 10.21
N GLN A 218 -3.17 15.03 10.34
CA GLN A 218 -2.19 15.14 9.25
C GLN A 218 -2.68 14.35 8.03
N ILE A 219 -3.23 13.16 8.27
CA ILE A 219 -3.66 12.23 7.19
C ILE A 219 -5.03 12.66 6.65
N CYS A 220 -5.95 13.16 7.49
CA CYS A 220 -7.24 13.72 7.00
C CYS A 220 -7.02 14.87 6.00
N VAL A 221 -6.09 15.80 6.26
CA VAL A 221 -5.97 17.06 5.47
C VAL A 221 -4.77 16.98 4.51
N LEU A 222 -3.96 15.91 4.59
CA LEU A 222 -2.83 15.65 3.68
C LEU A 222 -1.94 16.90 3.68
N HIS A 223 -1.50 17.32 4.87
CA HIS A 223 -0.50 18.40 5.01
C HIS A 223 0.89 17.80 5.19
N HIS A 224 1.79 18.09 4.24
CA HIS A 224 3.22 17.69 4.27
C HIS A 224 4.07 18.97 4.36
N GLU A 225 4.99 19.01 5.33
CA GLU A 225 5.85 20.17 5.65
C GLU A 225 6.77 20.51 4.47
N ILE A 226 7.15 19.53 3.66
CA ILE A 226 8.05 19.76 2.49
C ILE A 226 7.22 20.41 1.39
N ILE A 227 5.96 19.99 1.20
CA ILE A 227 5.10 20.51 0.11
C ILE A 227 4.63 21.92 0.49
N TRP A 228 4.25 22.18 1.76
CA TRP A 228 3.75 23.50 2.24
C TRP A 228 4.53 23.97 3.46
N PRO A 229 5.78 24.43 3.31
CA PRO A 229 6.63 24.73 4.45
C PRO A 229 6.14 25.87 5.35
N ALA A 230 5.32 26.78 4.85
CA ALA A 230 4.81 27.94 5.63
C ALA A 230 3.72 27.45 6.58
N GLY A 231 3.28 26.22 6.50
CA GLY A 231 2.33 25.68 7.49
C GLY A 231 1.01 25.32 6.86
N PHE A 232 0.15 24.69 7.65
CA PHE A 232 -1.17 24.22 7.20
C PHE A 232 -2.16 25.38 7.33
N VAL A 233 -2.99 25.58 6.31
CA VAL A 233 -4.18 26.46 6.38
C VAL A 233 -5.38 25.62 5.99
N CYS A 234 -6.40 25.54 6.86
CA CYS A 234 -7.55 24.64 6.66
C CYS A 234 -8.41 25.17 5.50
N ASP A 235 -9.23 24.30 4.94
CA ASP A 235 -10.19 24.67 3.88
C ASP A 235 -11.06 25.84 4.33
N GLY A 236 -11.51 25.84 5.58
CA GLY A 236 -12.36 26.90 6.14
C GLY A 236 -11.68 28.24 6.09
N CYS A 237 -10.40 28.33 6.47
CA CYS A 237 -9.67 29.62 6.52
C CYS A 237 -9.32 30.08 5.09
N LEU A 238 -9.14 29.16 4.16
CA LEU A 238 -8.79 29.48 2.74
C LEU A 238 -10.00 30.11 2.03
N LYS A 239 -11.18 29.51 2.18
CA LYS A 239 -12.48 30.01 1.66
C LYS A 239 -12.77 31.38 2.29
N LYS A 240 -12.61 31.52 3.61
CA LYS A 240 -12.89 32.77 4.36
C LYS A 240 -12.04 33.91 3.78
N SER A 241 -10.85 33.62 3.24
CA SER A 241 -9.86 34.61 2.75
C SER A 241 -9.75 34.61 1.22
N ALA A 242 -10.71 33.99 0.53
CA ALA A 242 -10.77 33.90 -0.95
C ALA A 242 -9.44 33.38 -1.53
N ARG A 243 -8.85 32.35 -0.91
CA ARG A 243 -7.56 31.73 -1.33
C ARG A 243 -7.78 30.24 -1.64
N THR A 244 -6.84 29.64 -2.36
CA THR A 244 -6.80 28.17 -2.58
C THR A 244 -5.40 27.67 -2.28
N ARG A 245 -5.29 26.39 -1.95
CA ARG A 245 -4.03 25.77 -1.53
C ARG A 245 -3.06 25.85 -2.71
N LYS A 246 -1.83 26.29 -2.44
CA LYS A 246 -0.67 26.21 -3.35
C LYS A 246 -0.60 24.80 -3.93
N GLU A 247 -0.47 24.71 -5.25
CA GLU A 247 -0.40 23.43 -6.01
C GLU A 247 0.68 22.53 -5.37
N ASN A 248 0.37 21.24 -5.24
CA ASN A 248 1.33 20.16 -4.93
C ASN A 248 2.12 19.83 -6.20
N LYS A 249 3.36 20.31 -6.32
CA LYS A 249 4.24 20.00 -7.46
C LYS A 249 4.96 18.67 -7.26
N PHE A 250 4.81 18.00 -6.12
CA PHE A 250 5.43 16.68 -5.87
C PHE A 250 4.43 15.58 -6.25
N SER A 251 3.81 15.74 -7.43
CA SER A 251 2.75 14.85 -7.97
C SER A 251 3.35 13.65 -8.73
N ALA A 252 2.53 12.60 -8.89
CA ALA A 252 2.83 11.43 -9.75
C ALA A 252 3.04 11.92 -11.19
N LYS A 253 2.12 12.75 -11.67
CA LYS A 253 2.19 13.28 -13.06
C LYS A 253 3.54 13.96 -13.29
N ARG A 254 4.08 14.70 -12.29
CA ARG A 254 5.34 15.47 -12.52
C ARG A 254 6.59 14.61 -12.27
N LEU A 255 6.48 13.34 -11.94
CA LEU A 255 7.66 12.44 -11.98
C LEU A 255 8.18 12.39 -13.41
N PRO A 256 9.52 12.35 -13.61
CA PRO A 256 10.07 12.36 -14.96
C PRO A 256 9.48 11.20 -15.78
N SER A 257 9.10 11.50 -17.02
CA SER A 257 8.46 10.54 -17.93
C SER A 257 9.53 9.64 -18.57
N THR A 258 9.15 8.42 -18.92
CA THR A 258 9.94 7.45 -19.72
C THR A 258 9.05 7.00 -20.86
N ARG A 259 9.64 6.43 -21.90
CA ARG A 259 8.90 5.83 -23.02
C ARG A 259 8.07 4.65 -22.52
N LEU A 260 8.66 3.78 -21.70
CA LEU A 260 7.92 2.64 -21.09
C LEU A 260 6.69 3.17 -20.31
N GLY A 261 6.88 4.17 -19.45
CA GLY A 261 5.78 4.75 -18.64
C GLY A 261 4.69 5.30 -19.52
N THR A 262 5.05 6.08 -20.54
CA THR A 262 4.10 6.76 -21.45
C THR A 262 3.32 5.69 -22.22
N PHE A 263 3.99 4.68 -22.73
CA PHE A 263 3.32 3.56 -23.45
C PHE A 263 2.26 2.93 -22.55
N LEU A 264 2.64 2.52 -21.35
CA LEU A 264 1.67 1.86 -20.44
C LEU A 264 0.53 2.83 -20.08
N GLU A 265 0.80 4.08 -19.72
CA GLU A 265 -0.30 4.95 -19.23
C GLU A 265 -1.25 5.29 -20.38
N ASN A 266 -0.72 5.51 -21.57
CA ASN A 266 -1.54 5.76 -22.80
C ASN A 266 -2.43 4.54 -23.10
N ARG A 267 -1.92 3.33 -22.93
CA ARG A 267 -2.75 2.11 -23.04
C ARG A 267 -3.87 2.15 -21.99
N VAL A 268 -3.55 2.44 -20.72
CA VAL A 268 -4.55 2.41 -19.63
C VAL A 268 -5.61 3.50 -19.90
N ASN A 269 -5.20 4.72 -20.19
CA ASN A 269 -6.18 5.85 -20.30
C ASN A 269 -7.03 5.68 -21.56
N ASP A 270 -6.48 5.10 -22.64
CA ASP A 270 -7.23 4.81 -23.90
C ASP A 270 -8.37 3.86 -23.58
N PHE A 271 -8.06 2.77 -22.88
CA PHE A 271 -9.05 1.78 -22.41
C PHE A 271 -10.12 2.47 -21.55
N LEU A 272 -9.70 3.28 -20.58
CA LEU A 272 -10.62 3.94 -19.63
C LEU A 272 -11.50 4.93 -20.38
N ARG A 273 -10.96 5.65 -21.36
CA ARG A 273 -11.77 6.61 -22.17
C ARG A 273 -12.80 5.83 -23.01
N ARG A 274 -12.45 4.65 -23.52
CA ARG A 274 -13.40 3.79 -24.27
C ARG A 274 -14.54 3.35 -23.34
N GLN A 275 -14.26 3.03 -22.06
CA GLN A 275 -15.31 2.60 -21.09
C GLN A 275 -16.20 3.80 -20.73
N ASN A 276 -15.59 4.97 -20.62
CA ASN A 276 -16.31 6.26 -20.43
C ASN A 276 -17.16 6.12 -19.17
N HIS A 277 -16.58 5.58 -18.11
CA HIS A 277 -17.24 5.35 -16.80
C HIS A 277 -17.01 6.59 -15.92
N PRO A 278 -18.07 7.15 -15.32
CA PRO A 278 -17.94 8.45 -14.65
C PRO A 278 -16.97 8.47 -13.45
N GLU A 279 -16.75 7.32 -12.80
CA GLU A 279 -15.96 7.20 -11.54
C GLU A 279 -14.45 7.16 -11.82
N SER A 280 -13.99 6.77 -13.01
CA SER A 280 -12.54 6.50 -13.25
C SER A 280 -11.76 7.83 -13.25
N GLY A 281 -10.60 7.85 -12.60
CA GLY A 281 -9.66 8.98 -12.71
C GLY A 281 -8.60 8.70 -13.76
N GLU A 282 -7.94 9.74 -14.25
CA GLU A 282 -6.69 9.63 -15.07
C GLU A 282 -5.71 8.74 -14.32
N VAL A 283 -5.00 7.91 -15.08
CA VAL A 283 -3.92 7.04 -14.56
C VAL A 283 -2.58 7.60 -15.02
N THR A 284 -1.60 7.56 -14.14
CA THR A 284 -0.17 7.84 -14.40
C THR A 284 0.59 6.54 -14.21
N VAL A 285 1.52 6.24 -15.10
CA VAL A 285 2.49 5.13 -14.88
C VAL A 285 3.90 5.72 -14.98
N ARG A 286 4.72 5.45 -13.97
CA ARG A 286 6.08 6.00 -13.90
C ARG A 286 7.04 4.87 -13.58
N VAL A 287 8.13 4.81 -14.34
CA VAL A 287 9.35 4.05 -13.97
C VAL A 287 10.11 4.91 -12.97
N VAL A 288 10.39 4.38 -11.78
CA VAL A 288 10.95 5.19 -10.66
C VAL A 288 12.37 4.70 -10.31
N HIS A 289 12.74 3.52 -10.79
CA HIS A 289 14.11 2.98 -10.66
C HIS A 289 14.49 2.29 -11.96
N ALA A 290 15.71 2.52 -12.44
CA ALA A 290 16.37 1.71 -13.48
C ALA A 290 17.88 1.73 -13.21
N SER A 291 18.46 0.55 -12.92
CA SER A 291 19.91 0.35 -12.70
C SER A 291 20.36 -0.99 -13.30
N ASP A 292 21.66 -1.08 -13.62
CA ASP A 292 22.30 -2.29 -14.19
C ASP A 292 22.86 -3.11 -13.03
N LYS A 293 22.51 -4.40 -12.99
CA LYS A 293 22.94 -5.32 -11.91
C LYS A 293 23.59 -6.56 -12.53
N THR A 294 24.08 -7.46 -11.68
CA THR A 294 24.61 -8.79 -12.03
C THR A 294 24.09 -9.79 -11.01
N VAL A 295 23.52 -10.91 -11.47
CA VAL A 295 23.29 -12.11 -10.60
C VAL A 295 24.47 -13.06 -10.83
N GLU A 296 25.23 -13.32 -9.76
CA GLU A 296 26.37 -14.29 -9.74
C GLU A 296 25.80 -15.69 -9.47
N VAL A 297 26.30 -16.71 -10.17
CA VAL A 297 25.90 -18.14 -9.99
C VAL A 297 26.34 -18.58 -8.59
N LYS A 298 25.45 -19.24 -7.85
CA LYS A 298 25.68 -19.69 -6.44
C LYS A 298 26.76 -20.79 -6.45
N PRO A 299 27.45 -21.02 -5.30
CA PRO A 299 28.66 -21.87 -5.29
C PRO A 299 28.43 -23.32 -5.71
N GLY A 300 27.35 -23.95 -5.23
CA GLY A 300 26.90 -25.30 -5.66
C GLY A 300 26.99 -25.45 -7.17
N MET A 301 26.15 -24.71 -7.92
CA MET A 301 26.03 -24.80 -9.40
C MET A 301 27.28 -24.22 -10.08
N LYS A 302 28.04 -23.40 -9.36
CA LYS A 302 29.35 -22.86 -9.82
C LYS A 302 30.36 -24.00 -9.94
N ALA A 303 30.40 -24.89 -8.95
CA ALA A 303 31.26 -26.10 -8.93
C ALA A 303 31.03 -26.90 -10.22
N ARG A 304 29.80 -27.40 -10.41
CA ARG A 304 29.45 -28.38 -11.48
C ARG A 304 29.69 -27.77 -12.87
N PHE A 305 29.14 -26.58 -13.13
CA PHE A 305 28.92 -26.03 -14.51
C PHE A 305 29.86 -24.86 -14.82
N VAL A 306 30.09 -23.93 -13.88
CA VAL A 306 30.89 -22.69 -14.13
C VAL A 306 32.38 -23.04 -14.07
N ASP A 307 32.79 -23.71 -12.99
CA ASP A 307 34.19 -24.10 -12.68
C ASP A 307 34.84 -24.77 -13.90
N SER A 308 34.09 -25.59 -14.65
CA SER A 308 34.55 -26.30 -15.88
C SER A 308 34.71 -25.31 -17.04
N GLY A 309 33.89 -24.24 -17.07
CA GLY A 309 33.85 -23.24 -18.16
C GLY A 309 32.67 -23.49 -19.09
N GLU A 310 31.71 -24.33 -18.66
CA GLU A 310 30.55 -24.80 -19.45
C GLU A 310 29.46 -23.71 -19.45
N MET A 311 29.24 -23.10 -18.29
CA MET A 311 28.20 -22.06 -18.04
C MET A 311 28.89 -20.74 -17.67
N ALA A 312 28.28 -19.60 -18.00
CA ALA A 312 28.72 -18.25 -17.59
C ALA A 312 28.54 -18.09 -16.07
N GLU A 313 29.42 -17.31 -15.42
CA GLU A 313 29.56 -17.26 -13.94
C GLU A 313 28.54 -16.27 -13.34
N SER A 314 28.16 -15.25 -14.10
CA SER A 314 27.22 -14.19 -13.65
C SER A 314 26.49 -13.62 -14.87
N PHE A 315 25.25 -13.18 -14.65
CA PHE A 315 24.33 -12.69 -15.72
C PHE A 315 23.98 -11.24 -15.43
N PRO A 316 24.33 -10.30 -16.33
CA PRO A 316 23.94 -8.90 -16.17
C PRO A 316 22.46 -8.69 -16.55
N TYR A 317 21.81 -7.72 -15.93
CA TYR A 317 20.40 -7.36 -16.21
C TYR A 317 20.16 -5.90 -15.82
N ARG A 318 19.07 -5.36 -16.36
CA ARG A 318 18.48 -4.07 -15.92
C ARG A 318 17.35 -4.39 -14.95
N THR A 319 17.40 -3.85 -13.73
CA THR A 319 16.26 -3.92 -12.78
C THR A 319 15.48 -2.60 -12.87
N LYS A 320 14.15 -2.70 -12.99
CA LYS A 320 13.23 -1.54 -13.10
C LYS A 320 12.12 -1.69 -12.07
N ALA A 321 11.69 -0.55 -11.51
CA ALA A 321 10.53 -0.44 -10.60
C ALA A 321 9.55 0.53 -11.23
N LEU A 322 8.29 0.12 -11.36
CA LEU A 322 7.24 1.06 -11.78
C LEU A 322 6.00 0.95 -10.90
N PHE A 323 5.31 2.07 -10.81
CA PHE A 323 4.08 2.28 -10.02
C PHE A 323 3.05 2.94 -10.92
N ALA A 324 1.78 2.55 -10.73
CA ALA A 324 0.61 3.19 -11.36
C ALA A 324 -0.18 3.92 -10.27
N PHE A 325 -0.63 5.11 -10.58
CA PHE A 325 -1.33 6.04 -9.69
C PHE A 325 -2.64 6.41 -10.38
N GLU A 326 -3.69 6.53 -9.61
CA GLU A 326 -4.99 7.06 -10.08
C GLU A 326 -5.32 8.31 -9.28
N GLU A 327 -5.86 9.32 -9.95
CA GLU A 327 -6.59 10.44 -9.32
C GLU A 327 -7.87 9.90 -8.68
N ILE A 328 -7.93 9.88 -7.35
CA ILE A 328 -9.16 9.54 -6.58
C ILE A 328 -9.45 10.69 -5.62
N ASP A 329 -10.68 11.18 -5.65
CA ASP A 329 -11.15 12.37 -4.88
C ASP A 329 -10.18 13.51 -5.14
N GLY A 330 -9.59 13.57 -6.34
CA GLY A 330 -8.73 14.68 -6.78
C GLY A 330 -7.31 14.62 -6.22
N VAL A 331 -6.87 13.51 -5.63
CA VAL A 331 -5.45 13.41 -5.20
C VAL A 331 -4.90 12.07 -5.71
N ASP A 332 -3.58 11.95 -5.72
CA ASP A 332 -2.83 10.73 -6.12
C ASP A 332 -3.16 9.54 -5.18
N LEU A 333 -3.39 8.37 -5.75
CA LEU A 333 -3.43 7.09 -5.01
C LEU A 333 -2.58 6.07 -5.76
N CYS A 334 -1.49 5.61 -5.14
CA CYS A 334 -0.63 4.55 -5.72
C CYS A 334 -1.32 3.20 -5.52
N PHE A 335 -1.74 2.55 -6.60
CA PHE A 335 -2.60 1.33 -6.54
C PHE A 335 -1.89 0.12 -7.15
N PHE A 336 -0.76 0.30 -7.84
CA PHE A 336 -0.01 -0.82 -8.46
C PHE A 336 1.50 -0.57 -8.44
N GLY A 337 2.24 -1.65 -8.22
CA GLY A 337 3.70 -1.68 -8.12
C GLY A 337 4.26 -2.93 -8.78
N MET A 338 5.39 -2.80 -9.48
CA MET A 338 6.02 -3.88 -10.28
C MET A 338 7.55 -3.71 -10.20
N HIS A 339 8.27 -4.77 -9.84
CA HIS A 339 9.73 -4.90 -10.10
C HIS A 339 9.94 -5.94 -11.22
N VAL A 340 10.79 -5.61 -12.20
CA VAL A 340 11.18 -6.53 -13.32
C VAL A 340 12.71 -6.66 -13.40
N GLN A 341 13.19 -7.83 -13.82
CA GLN A 341 14.61 -8.07 -14.23
C GLN A 341 14.65 -8.35 -15.74
N GLU A 342 15.45 -7.57 -16.47
CA GLU A 342 15.47 -7.59 -17.96
C GLU A 342 16.85 -8.08 -18.43
N TYR A 343 16.90 -9.33 -18.93
CA TYR A 343 18.19 -9.93 -19.39
C TYR A 343 18.30 -9.75 -20.96
N GLY A 344 19.21 -8.77 -21.27
CA GLY A 344 19.36 -8.17 -22.61
C GLY A 344 20.03 -9.12 -23.60
N SER A 345 20.34 -8.60 -24.79
CA SER A 345 20.86 -9.39 -25.93
C SER A 345 22.37 -9.62 -25.78
N ASP A 346 23.06 -8.86 -24.93
CA ASP A 346 24.50 -9.01 -24.60
C ASP A 346 24.65 -9.86 -23.32
N CYS A 347 23.55 -10.45 -22.85
CA CYS A 347 23.51 -11.37 -21.68
C CYS A 347 23.64 -12.80 -22.18
N PRO A 348 24.57 -13.61 -21.62
CA PRO A 348 24.76 -14.98 -22.10
C PRO A 348 23.54 -15.87 -21.90
N PRO A 349 23.35 -16.91 -22.75
CA PRO A 349 22.36 -17.96 -22.48
C PRO A 349 22.64 -18.61 -21.12
N PRO A 350 21.60 -19.16 -20.44
CA PRO A 350 20.24 -19.29 -20.98
C PRO A 350 19.23 -18.19 -20.60
N ASN A 351 19.71 -16.97 -20.28
CA ASN A 351 18.87 -15.85 -19.76
C ASN A 351 18.57 -14.84 -20.88
N GLN A 352 19.28 -14.95 -22.01
CA GLN A 352 19.28 -13.97 -23.13
C GLN A 352 17.84 -13.62 -23.57
N ARG A 353 17.57 -12.33 -23.76
CA ARG A 353 16.29 -11.79 -24.30
C ARG A 353 15.07 -12.24 -23.44
N ARG A 354 15.37 -12.48 -22.09
CA ARG A 354 14.29 -12.89 -21.16
C ARG A 354 13.99 -11.75 -20.18
N VAL A 355 12.72 -11.61 -19.79
CA VAL A 355 12.29 -10.69 -18.69
C VAL A 355 11.68 -11.54 -17.59
N TYR A 356 12.03 -11.20 -16.34
CA TYR A 356 11.53 -11.82 -15.09
C TYR A 356 10.79 -10.75 -14.26
N ILE A 357 9.48 -10.93 -14.07
CA ILE A 357 8.67 -10.08 -13.15
C ILE A 357 8.92 -10.61 -11.73
N SER A 358 9.79 -9.95 -10.96
CA SER A 358 10.16 -10.28 -9.55
C SER A 358 8.93 -10.25 -8.65
N TYR A 359 8.27 -9.08 -8.55
CA TYR A 359 7.18 -8.79 -7.58
C TYR A 359 6.09 -7.99 -8.29
N LEU A 360 4.84 -8.40 -8.10
CA LEU A 360 3.64 -7.59 -8.46
C LEU A 360 2.86 -7.33 -7.17
N ASP A 361 2.44 -6.09 -6.94
CA ASP A 361 1.60 -5.73 -5.76
C ASP A 361 0.59 -4.68 -6.17
N SER A 362 -0.46 -4.59 -5.37
CA SER A 362 -1.56 -3.64 -5.58
C SER A 362 -2.17 -3.20 -4.24
N VAL A 363 -2.89 -2.09 -4.28
CA VAL A 363 -3.75 -1.55 -3.19
C VAL A 363 -5.13 -1.39 -3.82
N HIS A 364 -6.10 -2.15 -3.35
CA HIS A 364 -7.31 -2.50 -4.15
C HIS A 364 -8.32 -1.34 -4.24
N PHE A 365 -7.89 -0.09 -4.16
CA PHE A 365 -8.82 1.07 -4.10
C PHE A 365 -9.11 1.62 -5.51
N PHE A 366 -8.64 0.98 -6.58
CA PHE A 366 -8.91 1.47 -7.96
C PHE A 366 -10.43 1.68 -8.17
N ARG A 367 -10.80 2.85 -8.68
CA ARG A 367 -12.22 3.17 -9.01
C ARG A 367 -12.38 3.34 -10.51
N PRO A 368 -13.47 2.83 -11.12
CA PRO A 368 -14.42 1.95 -10.43
C PRO A 368 -13.81 0.55 -10.27
N LYS A 369 -14.27 -0.16 -9.24
CA LYS A 369 -13.76 -1.51 -8.87
C LYS A 369 -14.12 -2.51 -9.99
N CYS A 370 -15.14 -2.22 -10.80
CA CYS A 370 -15.58 -3.09 -11.91
C CYS A 370 -14.52 -3.10 -13.03
N LEU A 371 -13.61 -2.12 -13.10
CA LEU A 371 -12.56 -2.04 -14.16
C LEU A 371 -11.15 -2.32 -13.60
N ARG A 372 -11.04 -2.74 -12.35
CA ARG A 372 -9.72 -2.87 -11.67
C ARG A 372 -8.87 -3.94 -12.39
N THR A 373 -9.40 -5.15 -12.52
CA THR A 373 -8.70 -6.31 -13.17
C THR A 373 -8.33 -5.94 -14.60
N ALA A 374 -9.26 -5.39 -15.39
CA ALA A 374 -9.02 -4.91 -16.77
C ALA A 374 -7.87 -3.90 -16.81
N VAL A 375 -7.77 -2.98 -15.84
CA VAL A 375 -6.67 -1.98 -15.83
C VAL A 375 -5.38 -2.75 -15.54
N TYR A 376 -5.40 -3.71 -14.63
CA TYR A 376 -4.19 -4.52 -14.36
C TYR A 376 -3.82 -5.26 -15.65
N HIS A 377 -4.81 -5.76 -16.41
CA HIS A 377 -4.55 -6.44 -17.69
C HIS A 377 -3.86 -5.47 -18.65
N GLU A 378 -4.36 -4.24 -18.79
CA GLU A 378 -3.78 -3.25 -19.72
C GLU A 378 -2.32 -3.00 -19.35
N ILE A 379 -1.97 -2.99 -18.07
CA ILE A 379 -0.58 -2.66 -17.65
C ILE A 379 0.33 -3.85 -17.97
N LEU A 380 -0.09 -5.07 -17.63
CA LEU A 380 0.74 -6.29 -17.72
C LEU A 380 0.85 -6.75 -19.19
N ILE A 381 -0.25 -6.77 -19.95
CA ILE A 381 -0.26 -7.09 -21.41
C ILE A 381 0.55 -6.01 -22.13
N GLY A 382 0.39 -4.73 -21.75
CA GLY A 382 1.17 -3.59 -22.25
C GLY A 382 2.67 -3.79 -22.05
N TYR A 383 3.11 -4.19 -20.86
CA TYR A 383 4.56 -4.42 -20.58
C TYR A 383 5.09 -5.53 -21.50
N LEU A 384 4.33 -6.63 -21.65
CA LEU A 384 4.72 -7.77 -22.53
C LEU A 384 4.79 -7.33 -23.99
N GLU A 385 3.84 -6.50 -24.44
CA GLU A 385 3.84 -5.91 -25.80
C GLU A 385 5.08 -5.04 -26.00
N TYR A 386 5.43 -4.18 -25.03
CA TYR A 386 6.56 -3.24 -25.11
C TYR A 386 7.89 -3.99 -25.21
N VAL A 387 8.12 -5.02 -24.39
CA VAL A 387 9.43 -5.74 -24.36
C VAL A 387 9.56 -6.62 -25.61
N LYS A 388 8.44 -7.20 -26.05
CA LYS A 388 8.35 -7.99 -27.30
C LYS A 388 8.84 -7.12 -28.46
N LYS A 389 8.34 -5.88 -28.57
CA LYS A 389 8.68 -4.97 -29.69
C LYS A 389 10.18 -4.66 -29.67
N LEU A 390 10.80 -4.57 -28.48
CA LEU A 390 12.26 -4.27 -28.33
C LEU A 390 13.13 -5.49 -28.64
N GLY A 391 12.57 -6.70 -28.60
CA GLY A 391 13.29 -7.94 -28.94
C GLY A 391 13.50 -8.91 -27.79
N TYR A 392 12.78 -8.79 -26.65
CA TYR A 392 12.71 -9.84 -25.59
C TYR A 392 11.71 -10.92 -26.04
N THR A 393 12.11 -12.21 -25.92
CA THR A 393 11.41 -13.36 -26.59
C THR A 393 10.37 -14.01 -25.61
N THR A 394 10.85 -14.03 -24.31
CA THR A 394 10.24 -14.83 -23.23
C THR A 394 10.01 -14.00 -21.96
N GLY A 395 8.85 -14.22 -21.35
CA GLY A 395 8.47 -13.64 -20.06
C GLY A 395 8.34 -14.73 -19.04
N HIS A 396 8.72 -14.44 -17.79
CA HIS A 396 8.60 -15.39 -16.64
C HIS A 396 7.89 -14.70 -15.47
N ILE A 397 6.92 -15.40 -14.89
CA ILE A 397 6.20 -14.99 -13.65
C ILE A 397 6.21 -16.16 -12.67
N TRP A 398 6.78 -15.94 -11.47
CA TRP A 398 6.71 -16.81 -10.27
C TRP A 398 5.40 -16.52 -9.54
N ALA A 399 4.34 -17.26 -9.87
CA ALA A 399 2.93 -17.00 -9.50
C ALA A 399 2.58 -17.72 -8.20
N CYS A 400 3.31 -17.45 -7.12
CA CYS A 400 2.97 -17.97 -5.77
C CYS A 400 2.75 -16.78 -4.83
N PRO A 401 1.73 -16.84 -3.94
CA PRO A 401 1.41 -15.70 -3.11
C PRO A 401 2.57 -15.41 -2.16
N PRO A 402 2.67 -14.19 -1.59
CA PRO A 402 3.57 -13.93 -0.47
C PRO A 402 3.14 -14.67 0.81
N SER A 403 4.10 -14.92 1.71
CA SER A 403 3.90 -15.65 3.00
C SER A 403 3.10 -14.77 3.97
N GLU A 404 2.38 -15.40 4.90
CA GLU A 404 1.47 -14.76 5.89
C GLU A 404 2.30 -14.01 6.94
N GLY A 405 2.54 -12.71 6.75
CA GLY A 405 3.47 -11.90 7.55
C GLY A 405 4.32 -10.96 6.70
N ASP A 406 4.42 -11.18 5.37
CA ASP A 406 5.27 -10.37 4.48
C ASP A 406 4.41 -9.37 3.68
N ASP A 407 4.69 -8.08 3.84
CA ASP A 407 3.93 -6.95 3.22
C ASP A 407 4.10 -6.92 1.70
N TYR A 408 5.22 -7.43 1.17
CA TYR A 408 5.51 -7.55 -0.28
C TYR A 408 6.06 -6.23 -0.84
N ILE A 409 5.23 -5.35 -1.42
CA ILE A 409 5.71 -4.01 -1.87
C ILE A 409 5.12 -2.95 -0.95
N PHE A 410 3.80 -2.97 -0.74
CA PHE A 410 3.03 -1.94 -0.01
C PHE A 410 2.85 -2.38 1.45
N HIS A 411 3.35 -1.56 2.36
CA HIS A 411 3.31 -1.80 3.82
C HIS A 411 1.86 -1.70 4.31
N CYS A 412 1.36 -2.73 4.99
CA CYS A 412 0.05 -2.70 5.70
CA CYS A 412 0.05 -2.71 5.70
C CYS A 412 -1.10 -2.51 4.69
N HIS A 413 -1.43 -3.57 3.96
CA HIS A 413 -2.58 -3.60 3.02
C HIS A 413 -3.87 -3.42 3.82
N PRO A 414 -5.01 -3.07 3.18
CA PRO A 414 -6.29 -3.11 3.85
C PRO A 414 -6.51 -4.50 4.42
N PRO A 415 -7.06 -4.66 5.65
CA PRO A 415 -7.32 -5.99 6.22
C PRO A 415 -8.24 -6.83 5.32
N ASP A 416 -9.15 -6.19 4.57
CA ASP A 416 -10.10 -6.90 3.68
C ASP A 416 -9.50 -7.09 2.27
N GLN A 417 -8.21 -6.78 2.06
CA GLN A 417 -7.49 -7.18 0.83
C GLN A 417 -6.72 -8.46 1.16
N LYS A 418 -7.40 -9.61 1.02
CA LYS A 418 -6.87 -10.94 1.43
C LYS A 418 -5.82 -11.36 0.40
N ILE A 419 -4.70 -11.92 0.87
CA ILE A 419 -3.73 -12.58 -0.04
C ILE A 419 -4.50 -13.67 -0.78
N PRO A 420 -4.50 -13.70 -2.11
CA PRO A 420 -5.25 -14.72 -2.84
C PRO A 420 -4.62 -16.11 -2.64
N LYS A 421 -5.46 -17.14 -2.61
CA LYS A 421 -5.02 -18.57 -2.63
C LYS A 421 -4.33 -18.87 -3.96
N PRO A 422 -3.32 -19.78 -3.96
CA PRO A 422 -2.64 -20.20 -5.19
C PRO A 422 -3.51 -20.44 -6.44
N LYS A 423 -4.62 -21.17 -6.28
CA LYS A 423 -5.55 -21.54 -7.38
C LYS A 423 -6.10 -20.26 -8.01
N ARG A 424 -6.66 -19.35 -7.18
CA ARG A 424 -7.24 -18.05 -7.60
C ARG A 424 -6.17 -17.22 -8.33
N LEU A 425 -4.94 -17.19 -7.81
CA LEU A 425 -3.81 -16.42 -8.39
C LEU A 425 -3.44 -17.00 -9.76
N GLN A 426 -3.30 -18.33 -9.87
CA GLN A 426 -2.96 -19.04 -11.13
C GLN A 426 -4.05 -18.76 -12.21
N GLU A 427 -5.35 -18.91 -11.74
CA GLU A 427 -6.52 -18.72 -12.65
C GLU A 427 -6.53 -17.26 -13.13
N TRP A 428 -6.23 -16.31 -12.26
CA TRP A 428 -6.19 -14.87 -12.61
C TRP A 428 -5.14 -14.66 -13.71
N PHE A 429 -3.90 -15.11 -13.48
CA PHE A 429 -2.79 -15.00 -14.47
C PHE A 429 -3.15 -15.71 -15.78
N LYS A 430 -3.88 -16.83 -15.73
CA LYS A 430 -4.29 -17.60 -16.95
C LYS A 430 -5.21 -16.73 -17.81
N LYS A 431 -6.23 -16.11 -17.19
CA LYS A 431 -7.28 -15.30 -17.88
C LYS A 431 -6.62 -14.11 -18.61
N MET A 432 -5.67 -13.45 -17.94
CA MET A 432 -4.89 -12.29 -18.45
C MET A 432 -4.12 -12.72 -19.71
N LEU A 433 -3.47 -13.88 -19.67
CA LEU A 433 -2.60 -14.39 -20.78
C LEU A 433 -3.46 -14.87 -21.96
N ASP A 434 -4.65 -15.43 -21.71
CA ASP A 434 -5.68 -15.70 -22.75
C ASP A 434 -6.08 -14.38 -23.45
N LYS A 435 -6.25 -13.28 -22.72
CA LYS A 435 -6.57 -11.96 -23.34
C LYS A 435 -5.38 -11.57 -24.23
N ALA A 436 -4.16 -11.80 -23.74
CA ALA A 436 -2.89 -11.47 -24.43
C ALA A 436 -2.73 -12.33 -25.70
N VAL A 437 -3.34 -13.52 -25.72
CA VAL A 437 -3.33 -14.42 -26.91
C VAL A 437 -4.33 -13.86 -27.92
N SER A 438 -5.56 -13.54 -27.48
CA SER A 438 -6.63 -12.93 -28.33
C SER A 438 -6.11 -11.68 -29.06
N GLU A 439 -5.36 -10.83 -28.34
CA GLU A 439 -4.77 -9.57 -28.87
C GLU A 439 -3.55 -9.88 -29.75
N ARG A 440 -3.11 -11.14 -29.82
CA ARG A 440 -1.93 -11.60 -30.61
C ARG A 440 -0.67 -10.88 -30.11
N ILE A 441 -0.56 -10.65 -28.79
CA ILE A 441 0.69 -10.14 -28.14
C ILE A 441 1.52 -11.34 -27.66
N VAL A 442 0.89 -12.30 -26.99
CA VAL A 442 1.53 -13.56 -26.53
C VAL A 442 1.27 -14.65 -27.58
N HIS A 443 2.33 -15.31 -28.04
CA HIS A 443 2.26 -16.46 -28.98
C HIS A 443 1.59 -17.66 -28.25
N ASP A 444 2.25 -18.15 -27.19
CA ASP A 444 1.73 -19.22 -26.29
C ASP A 444 2.32 -19.02 -24.88
N TYR A 445 1.65 -19.66 -23.90
CA TYR A 445 2.08 -19.69 -22.47
C TYR A 445 1.79 -21.08 -21.90
N LYS A 446 2.74 -21.62 -21.14
CA LYS A 446 2.59 -22.93 -20.45
C LYS A 446 3.43 -22.92 -19.16
N ASP A 447 3.10 -23.83 -18.24
CA ASP A 447 3.92 -24.15 -17.05
C ASP A 447 5.34 -24.47 -17.50
N ILE A 448 6.31 -24.32 -16.60
CA ILE A 448 7.75 -24.56 -16.89
C ILE A 448 8.01 -26.03 -17.25
N PHE A 449 7.16 -26.97 -16.78
CA PHE A 449 7.30 -28.43 -17.03
C PHE A 449 7.11 -28.71 -18.53
N LYS A 450 5.94 -28.36 -19.08
CA LYS A 450 5.60 -28.58 -20.51
C LYS A 450 6.65 -27.89 -21.39
N GLN A 451 7.05 -26.66 -21.04
CA GLN A 451 7.99 -25.82 -21.83
C GLN A 451 9.41 -26.43 -21.80
N ALA A 452 9.79 -27.05 -20.69
CA ALA A 452 11.08 -27.77 -20.52
C ALA A 452 11.06 -29.05 -21.36
N THR A 453 9.99 -29.83 -21.24
CA THR A 453 9.79 -31.07 -22.04
C THR A 453 9.93 -30.69 -23.52
N GLU A 454 9.27 -29.60 -23.94
CA GLU A 454 9.16 -29.13 -25.35
C GLU A 454 10.49 -28.51 -25.83
N ASP A 455 11.31 -27.96 -24.93
CA ASP A 455 12.68 -27.44 -25.27
C ASP A 455 13.68 -28.61 -25.30
N ARG A 456 13.42 -29.70 -24.56
CA ARG A 456 14.25 -30.94 -24.52
C ARG A 456 15.51 -30.68 -23.67
N SER A 459 19.21 -30.88 -19.32
CA SER A 459 20.07 -30.61 -18.13
C SER A 459 19.54 -29.41 -17.33
N ALA A 460 20.05 -29.24 -16.11
CA ALA A 460 19.72 -28.11 -15.21
C ALA A 460 20.45 -26.83 -15.67
N LYS A 461 21.51 -26.95 -16.46
CA LYS A 461 22.30 -25.79 -16.99
C LYS A 461 21.41 -24.82 -17.81
N GLU A 462 20.38 -25.41 -18.47
CA GLU A 462 19.54 -24.72 -19.48
C GLU A 462 18.48 -23.83 -18.80
N LEU A 463 18.28 -23.96 -17.47
CA LEU A 463 17.19 -23.24 -16.75
C LEU A 463 17.55 -21.76 -16.62
N PRO A 464 16.64 -20.84 -17.03
CA PRO A 464 16.84 -19.42 -16.77
C PRO A 464 17.01 -19.18 -15.24
N TYR A 465 18.10 -18.40 -14.92
CA TYR A 465 18.71 -18.25 -13.56
C TYR A 465 18.62 -16.78 -13.12
N PHE A 466 17.57 -16.44 -12.37
CA PHE A 466 17.17 -15.04 -12.08
C PHE A 466 17.43 -14.70 -10.62
N GLU A 467 17.90 -13.48 -10.35
CA GLU A 467 18.14 -12.95 -8.97
C GLU A 467 16.91 -13.16 -8.09
N GLY A 468 17.06 -13.88 -6.97
CA GLY A 468 16.04 -14.03 -5.91
C GLY A 468 14.92 -14.98 -6.29
N ASP A 469 15.04 -15.69 -7.42
CA ASP A 469 14.03 -16.67 -7.91
C ASP A 469 14.12 -17.95 -7.07
N PHE A 470 13.08 -18.80 -7.16
CA PHE A 470 12.98 -20.14 -6.54
C PHE A 470 14.15 -21.02 -6.97
N TRP A 471 14.37 -21.14 -8.29
CA TRP A 471 15.17 -22.23 -8.94
C TRP A 471 16.64 -22.15 -8.56
N PRO A 472 17.30 -20.97 -8.60
CA PRO A 472 18.65 -20.83 -8.04
C PRO A 472 18.80 -21.29 -6.58
N ASN A 473 17.77 -21.09 -5.75
CA ASN A 473 17.74 -21.58 -4.33
C ASN A 473 17.67 -23.11 -4.34
N VAL A 474 16.62 -23.67 -4.94
CA VAL A 474 16.25 -25.12 -4.84
C VAL A 474 17.30 -25.98 -5.56
N LEU A 475 17.99 -25.44 -6.57
CA LEU A 475 19.06 -26.17 -7.31
C LEU A 475 20.31 -26.32 -6.44
N GLU A 476 20.46 -25.46 -5.42
CA GLU A 476 21.53 -25.58 -4.39
C GLU A 476 21.22 -26.75 -3.44
N GLU A 477 19.94 -26.96 -3.11
CA GLU A 477 19.45 -28.06 -2.23
C GLU A 477 19.82 -29.43 -2.84
N SER A 478 19.78 -29.55 -4.18
CA SER A 478 20.16 -30.78 -4.93
C SER A 478 21.66 -31.07 -4.73
N ILE A 479 22.50 -30.13 -5.16
CA ILE A 479 23.99 -30.23 -5.11
C ILE A 479 24.46 -30.02 -3.66
N LEU A 489 15.51 -32.39 -10.96
CA LEU A 489 14.95 -31.29 -11.78
C LEU A 489 13.62 -31.72 -12.42
N TYR A 490 13.63 -32.78 -13.23
CA TYR A 490 12.44 -33.32 -13.97
C TYR A 490 11.26 -33.50 -13.02
N ALA A 491 11.44 -34.25 -11.93
CA ALA A 491 10.40 -34.62 -10.93
C ALA A 491 9.94 -33.37 -10.14
N THR A 492 10.84 -32.41 -9.94
CA THR A 492 10.61 -31.17 -9.14
C THR A 492 9.70 -30.19 -9.91
N MET A 493 9.90 -30.07 -11.22
CA MET A 493 9.10 -29.19 -12.11
C MET A 493 7.63 -29.63 -12.09
N GLU A 494 7.35 -30.94 -12.18
CA GLU A 494 5.98 -31.51 -12.31
C GLU A 494 5.14 -31.14 -11.08
N LYS A 495 5.72 -31.23 -9.87
CA LYS A 495 4.99 -30.98 -8.59
C LYS A 495 4.80 -29.48 -8.36
N HIS A 496 5.64 -28.62 -8.96
CA HIS A 496 5.54 -27.13 -8.89
C HIS A 496 5.37 -26.53 -10.29
N LYS A 497 4.66 -27.21 -11.19
CA LYS A 497 4.51 -26.76 -12.61
C LYS A 497 3.59 -25.54 -12.65
N GLU A 498 2.42 -25.61 -12.00
CA GLU A 498 1.32 -24.61 -12.10
C GLU A 498 1.75 -23.25 -11.51
N VAL A 499 2.86 -23.22 -10.76
CA VAL A 499 3.41 -21.99 -10.12
C VAL A 499 4.16 -21.12 -11.14
N PHE A 500 4.91 -21.73 -12.06
CA PHE A 500 5.83 -21.03 -13.00
C PHE A 500 5.18 -20.92 -14.38
N PHE A 501 4.76 -19.71 -14.75
CA PHE A 501 4.32 -19.35 -16.12
C PHE A 501 5.56 -19.02 -16.95
N VAL A 502 5.70 -19.68 -18.11
CA VAL A 502 6.63 -19.27 -19.21
C VAL A 502 5.75 -18.77 -20.35
N ILE A 503 6.05 -17.56 -20.85
CA ILE A 503 5.19 -16.81 -21.80
C ILE A 503 6.01 -16.57 -23.07
N ARG A 504 5.66 -17.25 -24.17
CA ARG A 504 6.38 -17.09 -25.46
C ARG A 504 5.88 -15.80 -26.14
N LEU A 505 6.75 -14.82 -26.30
CA LEU A 505 6.40 -13.54 -26.98
C LEU A 505 6.77 -13.67 -28.45
N ILE A 506 7.97 -14.22 -28.70
CA ILE A 506 8.55 -14.46 -30.05
C ILE A 506 9.04 -15.91 -30.09
N ALA A 507 8.44 -16.73 -30.96
CA ALA A 507 8.77 -18.16 -31.14
C ALA A 507 9.29 -18.41 -32.56
N GLY A 508 10.09 -19.47 -32.75
CA GLY A 508 10.49 -20.02 -34.06
C GLY A 508 11.64 -19.25 -34.70
N PRO A 509 11.78 -19.30 -36.04
CA PRO A 509 12.75 -18.48 -36.79
C PRO A 509 12.79 -16.98 -36.47
N ALA A 510 11.63 -16.35 -36.21
CA ALA A 510 11.50 -14.90 -35.86
C ALA A 510 12.48 -14.54 -34.71
N ALA A 511 12.76 -15.48 -33.81
CA ALA A 511 13.58 -15.29 -32.58
C ALA A 511 15.09 -15.54 -32.84
N ASN A 512 15.48 -15.86 -34.08
CA ASN A 512 16.88 -16.23 -34.43
C ASN A 512 17.69 -14.99 -34.84
N SER A 513 17.18 -14.19 -35.78
CA SER A 513 17.94 -13.07 -36.42
C SER A 513 17.34 -11.72 -36.00
N LEU A 514 17.20 -11.48 -34.70
CA LEU A 514 16.70 -10.19 -34.18
C LEU A 514 17.85 -9.20 -34.07
N PRO A 515 17.59 -7.89 -34.27
CA PRO A 515 18.60 -6.87 -33.95
C PRO A 515 18.90 -6.86 -32.45
N PRO A 516 19.95 -6.12 -32.01
CA PRO A 516 20.23 -5.97 -30.58
C PRO A 516 19.06 -5.31 -29.82
N ILE A 517 18.92 -5.66 -28.55
CA ILE A 517 17.98 -4.99 -27.61
C ILE A 517 18.67 -3.70 -27.14
N VAL A 518 18.07 -2.56 -27.50
CA VAL A 518 18.50 -1.19 -27.09
C VAL A 518 17.33 -0.54 -26.32
N ASP A 519 17.52 -0.33 -25.02
CA ASP A 519 16.52 0.33 -24.12
C ASP A 519 16.56 1.82 -24.44
N PRO A 520 15.48 2.42 -24.96
CA PRO A 520 15.50 3.83 -25.34
C PRO A 520 15.36 4.78 -24.14
N ASP A 521 15.20 4.24 -22.93
CA ASP A 521 15.10 5.05 -21.69
C ASP A 521 16.44 5.03 -20.96
N PRO A 522 16.87 6.16 -20.36
CA PRO A 522 18.09 6.19 -19.58
C PRO A 522 17.94 5.46 -18.23
N LEU A 523 19.07 5.23 -17.57
CA LEU A 523 19.11 4.75 -16.16
C LEU A 523 18.41 5.77 -15.28
N ILE A 524 17.80 5.31 -14.20
CA ILE A 524 17.14 6.16 -13.19
C ILE A 524 17.67 5.70 -11.84
N PRO A 525 18.70 6.39 -11.28
CA PRO A 525 19.20 6.10 -9.94
C PRO A 525 18.22 6.53 -8.85
N CYS A 526 17.86 5.58 -8.00
CA CYS A 526 16.91 5.79 -6.90
C CYS A 526 17.05 4.63 -5.92
N ASP A 527 17.79 4.83 -4.84
CA ASP A 527 18.10 3.80 -3.84
C ASP A 527 16.83 3.32 -3.12
N LEU A 528 15.82 4.19 -2.98
CA LEU A 528 14.57 3.87 -2.25
C LEU A 528 13.85 2.71 -2.96
N MET A 529 13.97 2.66 -4.29
CA MET A 529 13.20 1.72 -5.12
C MET A 529 14.15 0.66 -5.73
N ASP A 530 15.34 0.49 -5.15
CA ASP A 530 16.36 -0.53 -5.52
C ASP A 530 16.01 -1.85 -4.82
N GLY A 531 15.17 -2.68 -5.42
CA GLY A 531 14.52 -3.80 -4.69
C GLY A 531 13.42 -3.23 -3.82
N ARG A 532 12.69 -4.08 -3.09
CA ARG A 532 11.41 -3.72 -2.44
C ARG A 532 11.62 -3.37 -0.96
N ASP A 533 12.83 -3.56 -0.43
CA ASP A 533 13.07 -3.50 1.05
C ASP A 533 13.22 -2.04 1.52
N ALA A 534 13.91 -1.20 0.75
CA ALA A 534 14.15 0.22 1.12
C ALA A 534 12.79 0.93 1.29
N PHE A 535 11.82 0.67 0.41
CA PHE A 535 10.48 1.29 0.49
C PHE A 535 9.72 0.73 1.70
N LEU A 536 9.81 -0.57 1.95
CA LEU A 536 9.15 -1.20 3.12
C LEU A 536 9.75 -0.61 4.41
N THR A 537 11.07 -0.46 4.44
CA THR A 537 11.78 0.12 5.61
C THR A 537 11.28 1.56 5.81
N LEU A 538 11.27 2.40 4.77
CA LEU A 538 10.77 3.79 4.93
C LEU A 538 9.33 3.74 5.45
N ALA A 539 8.47 2.88 4.91
CA ALA A 539 7.03 2.86 5.24
C ALA A 539 6.85 2.49 6.73
N ARG A 540 7.53 1.46 7.22
CA ARG A 540 7.53 1.07 8.66
C ARG A 540 7.99 2.25 9.52
N ASP A 541 9.16 2.79 9.21
CA ASP A 541 9.77 3.92 9.98
C ASP A 541 8.79 5.08 10.10
N LYS A 542 8.03 5.43 9.05
CA LYS A 542 7.23 6.68 9.01
C LYS A 542 5.72 6.39 9.06
N HIS A 543 5.30 5.15 9.32
CA HIS A 543 3.86 4.74 9.43
C HIS A 543 3.14 5.10 8.16
N LEU A 544 3.70 4.72 7.02
CA LEU A 544 3.07 4.88 5.70
C LEU A 544 2.35 3.57 5.42
N GLU A 545 1.11 3.46 5.90
CA GLU A 545 0.26 2.28 5.68
C GLU A 545 -0.55 2.52 4.41
N PHE A 546 -0.95 1.42 3.78
CA PHE A 546 -1.92 1.44 2.67
C PHE A 546 -3.21 0.74 3.10
N SER A 547 -3.57 0.85 4.38
CA SER A 547 -4.58 0.02 5.10
C SER A 547 -6.01 0.57 4.91
N SER A 548 -6.11 1.81 4.51
CA SER A 548 -7.39 2.49 4.19
C SER A 548 -7.10 3.46 3.05
N LEU A 549 -8.16 3.93 2.38
CA LEU A 549 -8.03 4.94 1.30
C LEU A 549 -7.30 6.16 1.87
N ARG A 550 -7.73 6.66 3.03
CA ARG A 550 -7.19 7.92 3.57
C ARG A 550 -5.72 7.69 3.90
N ARG A 551 -5.37 6.55 4.45
CA ARG A 551 -3.95 6.29 4.80
C ARG A 551 -3.11 6.06 3.53
N ALA A 552 -3.66 5.35 2.55
CA ALA A 552 -3.01 5.08 1.24
C ALA A 552 -2.75 6.42 0.52
N GLN A 553 -3.67 7.39 0.63
CA GLN A 553 -3.52 8.74 0.01
C GLN A 553 -2.34 9.48 0.68
N TRP A 554 -2.19 9.37 2.01
CA TRP A 554 -1.06 9.99 2.71
C TRP A 554 0.26 9.28 2.33
N SER A 555 0.27 7.97 2.34
CA SER A 555 1.48 7.19 2.00
C SER A 555 1.90 7.50 0.56
N THR A 556 0.96 7.69 -0.36
CA THR A 556 1.27 8.05 -1.78
C THR A 556 1.95 9.42 -1.82
N MET A 557 1.35 10.41 -1.16
CA MET A 557 1.86 11.79 -1.09
C MET A 557 3.29 11.72 -0.52
N CYS A 558 3.52 10.95 0.56
CA CYS A 558 4.84 10.89 1.20
C CYS A 558 5.85 10.20 0.29
N MET A 559 5.49 9.07 -0.33
CA MET A 559 6.42 8.33 -1.24
C MET A 559 6.78 9.22 -2.45
N LEU A 560 5.85 10.04 -2.94
CA LEU A 560 6.11 10.96 -4.08
C LEU A 560 7.04 12.11 -3.64
N VAL A 561 6.90 12.62 -2.42
CA VAL A 561 7.85 13.66 -1.97
C VAL A 561 9.25 13.03 -1.96
N GLU A 562 9.39 11.81 -1.42
CA GLU A 562 10.70 11.14 -1.35
C GLU A 562 11.26 10.91 -2.75
N LEU A 563 10.47 10.36 -3.67
CA LEU A 563 10.91 10.18 -5.09
C LEU A 563 11.34 11.52 -5.71
N HIS A 564 10.67 12.63 -5.37
CA HIS A 564 10.97 13.97 -5.98
C HIS A 564 12.21 14.63 -5.35
N THR A 565 12.64 14.24 -4.16
CA THR A 565 13.75 14.94 -3.42
C THR A 565 14.91 13.99 -3.12
N GLN A 566 15.19 13.02 -4.00
CA GLN A 566 16.34 12.09 -3.86
C GLN A 566 17.65 12.87 -4.08
ZN ZN B . -9.50 13.63 11.22
ZN ZN C . -8.23 27.26 9.86
C1 EDO D . -4.37 5.07 32.31
O1 EDO D . -5.50 5.25 33.10
C2 EDO D . -3.82 3.68 32.39
O2 EDO D . -3.18 3.44 33.64
C1 EDO E . -8.79 18.42 29.92
O1 EDO E . -7.58 17.77 29.86
C2 EDO E . -8.67 19.80 29.43
O2 EDO E . -8.28 20.66 30.45
O13 C0C F . -2.49 -9.89 -3.64
C01 C0C F . -4.55 -8.41 4.63
C03 C0C F . -2.32 -8.37 3.52
C05 C0C F . -1.53 -8.52 2.27
C06 C0C F . -0.19 -8.87 2.32
C16 C0C F . 0.58 -10.39 -4.39
C23 C0C F . -2.73 -7.40 -8.62
C24 C0C F . -2.54 -7.62 -10.11
C25 C0C F . -1.18 -8.29 -10.22
C28 C0C F . -4.28 -9.61 -6.92
C27 C0C F . -3.31 -9.71 -7.92
C26 C0C F . -0.94 -8.97 -8.87
C33 C0C F . -3.39 -10.75 -8.85
C34 C0C F . -2.12 -8.24 1.03
N02 C0C F . -3.69 -8.57 3.47
O04 C0C F . -1.74 -8.02 4.55
C07 C0C F . 0.55 -9.00 1.14
C08 C0C F . -0.04 -8.74 -0.09
C09 C0C F . -1.39 -8.36 -0.15
C10 C0C F . -2.10 -8.05 -1.44
N11 C0C F . -1.23 -8.27 -2.57
C12 C0C F . -1.48 -9.20 -3.57
C14 C0C F . -0.39 -9.25 -4.61
C17 C0C F . -0.12 -11.55 -5.08
C18 C0C F . -0.70 -10.88 -6.32
N19 C0C F . -0.97 -9.50 -5.91
C20 C0C F . -1.61 -8.48 -6.60
O21 C0C F . -1.73 -7.36 -6.11
C22 C0C F . -2.19 -8.71 -8.00
C29 C0C F . -5.33 -10.53 -6.84
C30 C0C F . -5.38 -11.57 -7.78
CL31 C0C F . -6.64 -12.74 -7.74
C32 C0C F . -4.42 -11.68 -8.77
#